data_6U9M
#
_entry.id   6U9M
#
_cell.length_a   54.810
_cell.length_b   54.810
_cell.length_c   105.827
_cell.angle_alpha   90.000
_cell.angle_beta   90.000
_cell.angle_gamma   120.000
#
_symmetry.space_group_name_H-M   'P 32'
#
loop_
_entity.id
_entity.type
_entity.pdbx_description
1 polymer 'Histone-lysine N-methyltransferase'
2 non-polymer 'ZINC ION'
3 non-polymer "5'-{[(3S)-3-amino-3-carboxypropyl]({1-[(thiophen-2-yl)methyl]azetidin-3-yl}methyl)amino}-5'-deoxyadenosine"
4 non-polymer GLYCEROL
5 water water
#
_entity_poly.entity_id   1
_entity_poly.type   'polypeptide(L)'
_entity_poly.pdbx_seq_one_letter_code
;SDLPMPMRFRHLKKTSKEAVGVYRSPIHGRGLFCKRNIDAGEMVIEYAGIVIRSILTDKREKYYDSKGIGCYMFRIDDSE
VVDATMHGNAARFINHSCEPNCYSRVINIDGQKHIVIFAMRKIYRGEELTYDYKFPIEDASNKLPCNCGAKKCRKFLN
;
_entity_poly.pdbx_strand_id   A,B
#
loop_
_chem_comp.id
_chem_comp.type
_chem_comp.name
_chem_comp.formula
GOL non-polymer GLYCEROL 'C3 H8 O3'
Q2M non-polymer 5'-{[(3S)-3-amino-3-carboxypropyl]({1-[(thiophen-2-yl)methyl]azetidin-3-yl}methyl)amino}-5'-deoxyadenosine 'C23 H32 N8 O5 S'
ZN non-polymer 'ZINC ION' 'Zn 2'
#
# COMPACT_ATOMS: atom_id res chain seq x y z
N LEU A 3 -1.38 0.89 25.02
CA LEU A 3 -2.64 0.73 25.75
C LEU A 3 -2.91 -0.73 26.06
N PRO A 4 -3.54 -1.08 27.22
CA PRO A 4 -3.82 -2.49 27.51
C PRO A 4 -4.72 -3.13 26.47
N MET A 5 -4.40 -4.38 26.08
CA MET A 5 -5.09 -5.19 25.09
C MET A 5 -6.65 -5.09 25.14
N PRO A 6 -7.37 -5.17 26.32
CA PRO A 6 -8.84 -5.05 26.28
C PRO A 6 -9.32 -3.67 25.87
N MET A 7 -8.57 -2.62 26.24
CA MET A 7 -8.89 -1.24 25.86
C MET A 7 -8.79 -1.07 24.35
N ARG A 8 -7.70 -1.59 23.74
CA ARG A 8 -7.46 -1.52 22.28
C ARG A 8 -8.51 -2.24 21.44
N PHE A 9 -9.18 -3.28 21.98
CA PHE A 9 -10.20 -4.04 21.22
C PHE A 9 -11.52 -3.26 21.00
N ARG A 10 -11.89 -2.36 21.92
CA ARG A 10 -13.14 -1.59 21.86
C ARG A 10 -13.31 -0.69 20.61
N HIS A 11 -14.55 -0.72 20.02
CA HIS A 11 -15.07 0.05 18.87
C HIS A 11 -14.26 -0.09 17.53
N LEU A 12 -13.87 -1.32 17.17
CA LEU A 12 -13.13 -1.59 15.93
C LEU A 12 -14.01 -1.45 14.68
N LYS A 13 -15.31 -1.83 14.76
CA LYS A 13 -16.28 -1.79 13.66
C LYS A 13 -16.30 -0.46 12.92
N LYS A 14 -16.36 0.67 13.68
CA LYS A 14 -16.38 2.04 13.16
C LYS A 14 -15.08 2.44 12.45
N THR A 15 -13.93 2.22 13.11
CA THR A 15 -12.60 2.59 12.60
C THR A 15 -12.07 1.71 11.48
N SER A 16 -12.44 0.39 11.44
CA SER A 16 -11.94 -0.49 10.37
C SER A 16 -12.57 -0.16 9.02
N LYS A 17 -13.82 0.35 9.01
CA LYS A 17 -14.55 0.74 7.79
C LYS A 17 -13.85 1.92 7.08
N GLU A 18 -13.10 2.74 7.84
CA GLU A 18 -12.34 3.88 7.33
C GLU A 18 -10.86 3.52 7.04
N ALA A 19 -10.33 2.47 7.66
CA ALA A 19 -8.92 2.11 7.53
C ALA A 19 -8.59 1.12 6.41
N VAL A 20 -9.53 0.25 6.08
CA VAL A 20 -9.28 -0.81 5.08
C VAL A 20 -10.42 -1.01 4.13
N GLY A 21 -10.11 -1.60 2.97
CA GLY A 21 -11.08 -1.94 1.93
C GLY A 21 -10.68 -3.19 1.18
N VAL A 22 -11.67 -3.82 0.54
CA VAL A 22 -11.53 -5.05 -0.26
C VAL A 22 -11.49 -4.71 -1.74
N TYR A 23 -10.44 -5.15 -2.45
CA TYR A 23 -10.25 -4.88 -3.88
C TYR A 23 -9.57 -6.09 -4.53
N ARG A 24 -9.44 -6.11 -5.87
CA ARG A 24 -8.75 -7.20 -6.56
C ARG A 24 -7.28 -7.23 -6.10
N SER A 25 -6.74 -8.43 -5.88
CA SER A 25 -5.34 -8.58 -5.45
C SER A 25 -4.49 -9.30 -6.46
N PRO A 26 -3.23 -8.84 -6.69
CA PRO A 26 -2.34 -9.55 -7.61
C PRO A 26 -1.78 -10.85 -7.01
N ILE A 27 -1.96 -11.04 -5.69
CA ILE A 27 -1.51 -12.25 -4.97
C ILE A 27 -2.54 -13.34 -5.30
N HIS A 28 -3.83 -13.10 -4.98
CA HIS A 28 -4.94 -14.03 -5.27
C HIS A 28 -6.28 -13.33 -5.11
N GLY A 29 -7.19 -13.56 -6.08
CA GLY A 29 -8.58 -13.08 -6.07
C GLY A 29 -8.80 -11.69 -5.51
N ARG A 30 -9.46 -11.61 -4.35
CA ARG A 30 -9.64 -10.31 -3.67
C ARG A 30 -8.75 -10.27 -2.44
N GLY A 31 -8.31 -9.08 -2.06
CA GLY A 31 -7.49 -8.89 -0.87
C GLY A 31 -7.97 -7.71 -0.06
N LEU A 32 -7.40 -7.56 1.15
CA LEU A 32 -7.63 -6.44 2.06
C LEU A 32 -6.50 -5.42 1.85
N PHE A 33 -6.85 -4.15 1.62
CA PHE A 33 -5.87 -3.09 1.36
C PHE A 33 -6.07 -1.92 2.31
N CYS A 34 -5.02 -1.15 2.62
CA CYS A 34 -5.32 -0.06 3.52
C CYS A 34 -5.63 1.25 2.77
N LYS A 35 -6.62 1.99 3.32
CA LYS A 35 -7.17 3.24 2.77
C LYS A 35 -6.45 4.47 3.33
N ARG A 36 -5.70 4.29 4.41
CA ARG A 36 -4.91 5.33 5.09
C ARG A 36 -3.83 4.63 5.87
N ASN A 37 -2.72 5.34 6.11
CA ASN A 37 -1.57 4.80 6.83
C ASN A 37 -1.96 4.24 8.18
N ILE A 38 -1.46 3.02 8.46
CA ILE A 38 -1.70 2.29 9.70
C ILE A 38 -0.39 2.30 10.50
N ASP A 39 -0.42 2.80 11.75
CA ASP A 39 0.80 2.85 12.57
C ASP A 39 1.27 1.45 12.96
N ALA A 40 2.58 1.27 13.19
CA ALA A 40 3.09 -0.03 13.61
C ALA A 40 2.52 -0.35 15.00
N GLY A 41 2.20 -1.62 15.23
CA GLY A 41 1.60 -2.09 16.48
C GLY A 41 0.10 -1.90 16.56
N GLU A 42 -0.49 -1.16 15.58
CA GLU A 42 -1.91 -0.84 15.56
C GLU A 42 -2.78 -2.09 15.33
N MET A 43 -3.94 -2.12 16.00
CA MET A 43 -4.95 -3.19 15.88
C MET A 43 -5.77 -2.76 14.67
N VAL A 44 -5.75 -3.57 13.61
CA VAL A 44 -6.37 -3.21 12.35
C VAL A 44 -7.86 -3.57 12.29
N ILE A 45 -8.15 -4.86 12.48
CA ILE A 45 -9.48 -5.42 12.28
C ILE A 45 -9.56 -6.78 12.97
N GLU A 46 -10.79 -7.18 13.31
CA GLU A 46 -10.99 -8.48 13.85
C GLU A 46 -11.29 -9.40 12.69
N TYR A 47 -10.82 -10.66 12.79
CA TYR A 47 -11.20 -11.71 11.84
C TYR A 47 -12.55 -12.18 12.39
N ALA A 48 -13.64 -11.51 12.00
CA ALA A 48 -14.95 -11.80 12.57
C ALA A 48 -15.52 -13.13 12.10
N GLY A 49 -16.26 -13.80 12.98
CA GLY A 49 -16.90 -15.07 12.64
C GLY A 49 -17.33 -15.86 13.86
N ILE A 50 -17.68 -17.14 13.67
CA ILE A 50 -18.18 -18.02 14.74
C ILE A 50 -17.09 -19.01 15.14
N VAL A 51 -16.76 -19.06 16.43
CA VAL A 51 -15.78 -20.04 16.93
C VAL A 51 -16.53 -21.35 16.94
N ILE A 52 -16.05 -22.32 16.14
CA ILE A 52 -16.66 -23.65 16.03
C ILE A 52 -15.65 -24.72 16.36
N ARG A 53 -16.13 -25.94 16.64
CA ARG A 53 -15.30 -27.10 16.91
C ARG A 53 -14.62 -27.51 15.61
N SER A 54 -13.29 -27.71 15.66
CA SER A 54 -12.44 -28.10 14.54
C SER A 54 -12.92 -29.38 13.86
N ILE A 55 -13.47 -30.34 14.63
CA ILE A 55 -14.00 -31.59 14.09
C ILE A 55 -15.21 -31.39 13.17
N LEU A 56 -15.85 -30.22 13.27
CA LEU A 56 -17.02 -29.86 12.46
C LEU A 56 -16.66 -29.12 11.16
N THR A 57 -15.38 -28.73 10.96
CA THR A 57 -14.98 -27.94 9.80
C THR A 57 -15.05 -28.71 8.52
N ASP A 58 -14.71 -30.01 8.58
CA ASP A 58 -14.74 -30.87 7.38
C ASP A 58 -16.15 -30.93 6.81
N LYS A 59 -17.16 -31.23 7.66
CA LYS A 59 -18.56 -31.26 7.26
C LYS A 59 -19.14 -29.90 6.86
N ARG A 60 -18.71 -28.79 7.56
CA ARG A 60 -19.18 -27.42 7.25
C ARG A 60 -18.65 -26.99 5.87
N GLU A 61 -17.34 -27.18 5.58
CA GLU A 61 -16.72 -26.85 4.27
C GLU A 61 -17.35 -27.68 3.15
N LYS A 62 -17.68 -28.96 3.45
CA LYS A 62 -18.33 -29.85 2.47
C LYS A 62 -19.72 -29.27 2.12
N TYR A 63 -20.45 -28.78 3.15
CA TYR A 63 -21.78 -28.18 2.96
C TYR A 63 -21.70 -26.95 2.09
N TYR A 64 -20.80 -25.98 2.43
CA TYR A 64 -20.59 -24.74 1.70
C TYR A 64 -20.22 -25.00 0.25
N ASP A 65 -19.22 -25.88 0.00
CA ASP A 65 -18.76 -26.29 -1.35
C ASP A 65 -19.91 -26.86 -2.17
N SER A 66 -20.84 -27.61 -1.53
CA SER A 66 -21.99 -28.21 -2.23
C SER A 66 -23.06 -27.16 -2.61
N LYS A 67 -23.02 -25.96 -1.99
CA LYS A 67 -23.96 -24.85 -2.23
C LYS A 67 -23.35 -23.73 -3.11
N GLY A 68 -22.08 -23.89 -3.49
CA GLY A 68 -21.36 -22.90 -4.28
C GLY A 68 -21.12 -21.60 -3.52
N ILE A 69 -20.94 -21.73 -2.19
CA ILE A 69 -20.66 -20.61 -1.28
C ILE A 69 -19.18 -20.75 -0.89
N GLY A 70 -18.40 -19.70 -1.11
CA GLY A 70 -16.99 -19.68 -0.70
C GLY A 70 -16.87 -19.91 0.79
N CYS A 71 -15.96 -20.80 1.20
CA CYS A 71 -15.74 -21.17 2.61
C CYS A 71 -14.59 -20.37 3.17
N TYR A 72 -14.83 -19.56 4.22
CA TYR A 72 -13.81 -18.69 4.82
C TYR A 72 -13.63 -19.11 6.25
N MET A 73 -12.48 -19.72 6.56
CA MET A 73 -12.20 -20.19 7.91
C MET A 73 -10.80 -19.85 8.33
N PHE A 74 -10.63 -19.56 9.63
CA PHE A 74 -9.33 -19.26 10.23
C PHE A 74 -9.17 -20.18 11.43
N ARG A 75 -8.19 -21.09 11.32
CA ARG A 75 -7.86 -22.08 12.34
C ARG A 75 -7.21 -21.40 13.58
N ILE A 76 -7.86 -21.54 14.76
CA ILE A 76 -7.37 -21.02 16.05
C ILE A 76 -6.31 -22.00 16.56
N ASP A 77 -6.74 -23.26 16.76
CA ASP A 77 -5.89 -24.38 17.21
C ASP A 77 -6.46 -25.71 16.68
N ASP A 78 -6.00 -26.87 17.21
CA ASP A 78 -6.46 -28.19 16.77
C ASP A 78 -7.93 -28.44 17.08
N SER A 79 -8.49 -27.72 18.08
CA SER A 79 -9.86 -27.88 18.56
C SER A 79 -10.86 -26.83 18.10
N GLU A 80 -10.39 -25.62 17.75
CA GLU A 80 -11.24 -24.50 17.34
C GLU A 80 -10.80 -23.80 16.07
N VAL A 81 -11.79 -23.28 15.35
CA VAL A 81 -11.67 -22.58 14.06
C VAL A 81 -12.72 -21.46 14.06
N VAL A 82 -12.41 -20.30 13.44
CA VAL A 82 -13.37 -19.21 13.27
C VAL A 82 -13.99 -19.36 11.88
N ASP A 83 -15.29 -19.56 11.83
CA ASP A 83 -15.99 -19.67 10.54
C ASP A 83 -16.53 -18.28 10.19
N ALA A 84 -15.92 -17.66 9.18
CA ALA A 84 -16.27 -16.32 8.70
C ALA A 84 -17.18 -16.37 7.45
N THR A 85 -17.62 -17.57 7.05
CA THR A 85 -18.42 -17.74 5.83
C THR A 85 -19.72 -16.91 5.86
N MET A 86 -20.48 -17.03 6.95
CA MET A 86 -21.77 -16.37 7.06
C MET A 86 -21.74 -15.14 7.93
N HIS A 87 -20.93 -15.13 9.00
CA HIS A 87 -20.92 -13.98 9.91
C HIS A 87 -19.54 -13.29 9.95
N GLY A 88 -18.93 -13.17 8.78
CA GLY A 88 -17.60 -12.59 8.65
C GLY A 88 -17.61 -11.11 8.32
N ASN A 89 -16.41 -10.56 8.09
CA ASN A 89 -16.23 -9.15 7.73
C ASN A 89 -15.11 -9.08 6.67
N ALA A 90 -14.57 -7.87 6.38
CA ALA A 90 -13.52 -7.75 5.35
C ALA A 90 -12.21 -8.51 5.65
N ALA A 91 -11.93 -8.82 6.92
CA ALA A 91 -10.70 -9.54 7.31
C ALA A 91 -10.61 -10.94 6.68
N ARG A 92 -11.75 -11.50 6.25
CA ARG A 92 -11.73 -12.84 5.63
C ARG A 92 -11.01 -12.87 4.26
N PHE A 93 -10.76 -11.69 3.64
CA PHE A 93 -10.06 -11.58 2.37
C PHE A 93 -8.51 -11.42 2.52
N ILE A 94 -7.99 -11.32 3.76
CA ILE A 94 -6.53 -11.15 3.99
C ILE A 94 -5.75 -12.34 3.41
N ASN A 95 -4.90 -12.07 2.42
CA ASN A 95 -4.06 -13.07 1.76
C ASN A 95 -2.80 -13.35 2.55
N HIS A 96 -2.10 -14.44 2.24
CA HIS A 96 -0.82 -14.83 2.87
C HIS A 96 0.36 -14.10 2.21
N SER A 97 1.44 -13.84 2.99
CA SER A 97 2.75 -13.33 2.51
C SER A 97 3.85 -13.82 3.39
N CYS A 98 5.02 -14.15 2.78
CA CYS A 98 6.22 -14.64 3.45
C CYS A 98 6.99 -13.49 4.09
N GLU A 99 6.61 -12.27 3.72
CA GLU A 99 7.11 -11.06 4.36
C GLU A 99 5.88 -10.21 4.64
N PRO A 100 5.11 -10.67 5.66
CA PRO A 100 3.87 -9.99 6.00
C PRO A 100 4.06 -8.62 6.65
N ASN A 101 3.02 -7.80 6.61
CA ASN A 101 3.09 -6.51 7.27
C ASN A 101 2.17 -6.58 8.46
N CYS A 102 1.46 -7.73 8.62
CA CYS A 102 0.49 -7.98 9.69
C CYS A 102 0.76 -9.35 10.33
N TYR A 103 0.16 -9.60 11.48
CA TYR A 103 0.18 -10.92 12.13
C TYR A 103 -1.13 -11.14 12.86
N SER A 104 -1.51 -12.42 13.04
CA SER A 104 -2.74 -12.80 13.73
C SER A 104 -2.44 -13.22 15.16
N ARG A 105 -3.39 -12.97 16.05
CA ARG A 105 -3.28 -13.33 17.48
C ARG A 105 -4.68 -13.69 17.99
N VAL A 106 -4.76 -14.70 18.86
CA VAL A 106 -6.05 -15.02 19.47
C VAL A 106 -6.04 -14.26 20.81
N ILE A 107 -6.95 -13.29 20.97
CA ILE A 107 -7.09 -12.55 22.23
C ILE A 107 -8.37 -12.99 22.97
N ASN A 108 -8.42 -12.73 24.28
CA ASN A 108 -9.57 -13.06 25.11
C ASN A 108 -10.09 -11.78 25.77
N ILE A 109 -11.24 -11.27 25.30
CA ILE A 109 -11.87 -10.03 25.77
C ILE A 109 -13.11 -10.36 26.52
N ASP A 110 -13.11 -10.05 27.84
CA ASP A 110 -14.22 -10.24 28.76
C ASP A 110 -14.80 -11.67 28.73
N GLY A 111 -13.92 -12.67 28.62
CA GLY A 111 -14.26 -14.10 28.56
C GLY A 111 -14.43 -14.66 27.14
N GLN A 112 -14.52 -13.78 26.15
CA GLN A 112 -14.72 -14.24 24.77
C GLN A 112 -13.48 -14.13 23.89
N LYS A 113 -13.22 -15.18 23.09
CA LYS A 113 -12.09 -15.27 22.16
C LYS A 113 -12.37 -14.48 20.90
N HIS A 114 -11.35 -13.75 20.39
CA HIS A 114 -11.39 -12.99 19.14
C HIS A 114 -10.03 -13.07 18.47
N ILE A 115 -10.02 -13.30 17.15
CA ILE A 115 -8.83 -13.28 16.33
C ILE A 115 -8.70 -11.84 15.86
N VAL A 116 -7.56 -11.20 16.15
CA VAL A 116 -7.33 -9.82 15.71
C VAL A 116 -6.08 -9.73 14.90
N ILE A 117 -6.07 -8.79 13.97
CA ILE A 117 -4.96 -8.54 13.06
C ILE A 117 -4.22 -7.28 13.52
N PHE A 118 -2.91 -7.39 13.67
CA PHE A 118 -2.06 -6.29 14.10
C PHE A 118 -1.10 -5.90 13.02
N ALA A 119 -0.76 -4.62 12.94
CA ALA A 119 0.24 -4.15 11.98
C ALA A 119 1.60 -4.36 12.64
N MET A 120 2.49 -5.07 11.94
CA MET A 120 3.84 -5.42 12.38
C MET A 120 4.87 -4.28 12.09
N ARG A 121 4.52 -3.40 11.13
CA ARG A 121 5.30 -2.23 10.71
C ARG A 121 4.30 -1.14 10.30
N LYS A 122 4.76 0.11 10.01
CA LYS A 122 3.83 1.12 9.51
C LYS A 122 3.41 0.60 8.11
N ILE A 123 2.12 0.64 7.81
CA ILE A 123 1.58 0.18 6.52
C ILE A 123 1.06 1.41 5.87
N TYR A 124 1.48 1.61 4.61
CA TYR A 124 1.15 2.82 3.88
C TYR A 124 -0.01 2.66 2.95
N ARG A 125 -0.72 3.78 2.75
CA ARG A 125 -1.92 3.87 1.92
C ARG A 125 -1.72 3.19 0.56
N GLY A 126 -2.58 2.20 0.29
CA GLY A 126 -2.57 1.47 -0.98
C GLY A 126 -2.04 0.06 -0.91
N GLU A 127 -1.25 -0.22 0.13
CA GLU A 127 -0.64 -1.52 0.36
C GLU A 127 -1.66 -2.57 0.72
N GLU A 128 -1.43 -3.79 0.23
CA GLU A 128 -2.27 -4.92 0.60
C GLU A 128 -1.83 -5.41 1.98
N LEU A 129 -2.78 -5.70 2.89
CA LEU A 129 -2.49 -6.27 4.22
C LEU A 129 -2.35 -7.77 4.09
N THR A 130 -1.30 -8.35 4.68
CA THR A 130 -1.02 -9.80 4.60
C THR A 130 -0.51 -10.34 5.94
N TYR A 131 -0.78 -11.59 6.26
CA TYR A 131 -0.17 -12.21 7.45
C TYR A 131 0.39 -13.56 7.04
N ASP A 132 1.29 -14.13 7.85
CA ASP A 132 1.83 -15.43 7.53
C ASP A 132 0.81 -16.51 7.95
N TYR A 133 0.27 -17.28 6.98
CA TYR A 133 -0.64 -18.40 7.25
C TYR A 133 0.26 -19.52 7.80
N LYS A 134 -0.16 -20.22 8.87
CA LYS A 134 0.69 -21.26 9.46
C LYS A 134 0.69 -22.60 8.71
N PHE A 135 -0.43 -22.95 8.03
CA PHE A 135 -0.61 -24.21 7.28
C PHE A 135 0.47 -24.45 6.24
N LYS A 143 1.08 -29.51 -0.92
CA LYS A 143 1.65 -28.17 -1.00
C LYS A 143 0.81 -27.22 -1.87
N LEU A 144 0.74 -25.92 -1.48
CA LEU A 144 0.02 -24.86 -2.21
C LEU A 144 1.01 -23.77 -2.64
N PRO A 145 1.16 -23.46 -3.97
CA PRO A 145 2.16 -22.45 -4.38
C PRO A 145 1.87 -21.01 -3.93
N CYS A 146 2.89 -20.32 -3.40
CA CYS A 146 2.77 -18.95 -2.90
C CYS A 146 3.07 -17.89 -3.96
N ASN A 147 2.18 -16.89 -4.02
CA ASN A 147 2.24 -15.78 -4.97
C ASN A 147 2.48 -14.40 -4.32
N CYS A 148 3.01 -14.36 -3.07
CA CYS A 148 3.29 -13.08 -2.41
C CYS A 148 4.32 -12.23 -3.16
N GLY A 149 5.23 -12.92 -3.87
CA GLY A 149 6.28 -12.33 -4.68
C GLY A 149 7.49 -11.81 -3.93
N ALA A 150 7.56 -12.01 -2.58
CA ALA A 150 8.68 -11.53 -1.74
C ALA A 150 10.04 -12.13 -2.15
N LYS A 151 11.14 -11.41 -1.89
CA LYS A 151 12.47 -11.94 -2.23
C LYS A 151 12.71 -13.27 -1.49
N LYS A 152 12.37 -13.28 -0.19
CA LYS A 152 12.55 -14.40 0.74
C LYS A 152 11.32 -15.29 0.82
N CYS A 153 10.59 -15.43 -0.31
CA CYS A 153 9.38 -16.25 -0.40
C CYS A 153 9.67 -17.73 -0.10
N ARG A 154 8.83 -18.36 0.74
CA ARG A 154 8.89 -19.78 1.11
C ARG A 154 8.40 -20.68 -0.05
N LYS A 155 7.78 -20.05 -1.08
CA LYS A 155 7.27 -20.61 -2.35
C LYS A 155 6.03 -21.52 -2.20
N PHE A 156 5.64 -21.85 -0.94
CA PHE A 156 4.45 -22.66 -0.60
C PHE A 156 3.78 -22.14 0.68
N LEU A 157 2.44 -22.27 0.78
CA LEU A 157 1.70 -21.81 1.97
C LEU A 157 1.91 -22.77 3.16
N ASP B 2 -1.75 -6.17 -11.44
CA ASP B 2 -1.90 -7.51 -12.03
C ASP B 2 -0.83 -8.48 -11.49
N LEU B 3 0.43 -8.04 -11.44
CA LEU B 3 1.55 -8.84 -10.92
C LEU B 3 1.89 -8.41 -9.48
N PRO B 4 2.43 -9.30 -8.59
CA PRO B 4 2.71 -8.87 -7.21
C PRO B 4 3.61 -7.64 -7.12
N MET B 5 3.31 -6.73 -6.17
CA MET B 5 4.06 -5.47 -5.95
C MET B 5 5.60 -5.66 -5.91
N PRO B 6 6.21 -6.64 -5.16
CA PRO B 6 7.69 -6.78 -5.18
C PRO B 6 8.20 -7.19 -6.55
N MET B 7 7.46 -8.09 -7.23
CA MET B 7 7.76 -8.54 -8.58
C MET B 7 7.60 -7.38 -9.57
N ARG B 8 6.73 -6.39 -9.26
CA ARG B 8 6.50 -5.22 -10.11
C ARG B 8 7.62 -4.18 -9.96
N PHE B 9 8.33 -4.14 -8.80
CA PHE B 9 9.46 -3.24 -8.57
C PHE B 9 10.71 -3.70 -9.39
N ARG B 10 10.45 -4.35 -10.53
CA ARG B 10 11.41 -4.85 -11.52
C ARG B 10 11.59 -3.81 -12.61
N HIS B 11 10.96 -2.63 -12.45
CA HIS B 11 11.11 -1.52 -13.40
C HIS B 11 12.55 -1.01 -13.24
N LEU B 12 13.39 -1.38 -14.19
CA LEU B 12 14.81 -1.07 -14.18
C LEU B 12 15.10 0.42 -14.33
N LYS B 13 16.33 0.83 -13.97
CA LYS B 13 16.81 2.20 -14.14
C LYS B 13 16.97 2.46 -15.66
N LYS B 14 16.84 1.37 -16.45
CA LYS B 14 16.90 1.29 -17.91
C LYS B 14 15.50 1.36 -18.54
N THR B 15 14.47 0.80 -17.85
CA THR B 15 13.08 0.81 -18.34
C THR B 15 12.46 2.21 -18.30
N SER B 16 12.66 2.95 -17.18
CA SER B 16 12.17 4.33 -17.04
C SER B 16 12.99 5.27 -17.90
N LYS B 17 14.28 4.93 -18.18
CA LYS B 17 15.17 5.70 -19.04
C LYS B 17 14.65 5.69 -20.48
N GLU B 18 13.90 4.63 -20.85
CA GLU B 18 13.28 4.46 -22.16
C GLU B 18 11.83 4.98 -22.18
N ALA B 19 11.18 5.06 -21.01
CA ALA B 19 9.77 5.45 -20.90
C ALA B 19 9.49 6.94 -20.65
N VAL B 20 10.41 7.63 -19.97
CA VAL B 20 10.18 9.05 -19.61
C VAL B 20 11.40 9.93 -19.84
N GLY B 21 11.16 11.23 -19.99
CA GLY B 21 12.21 12.23 -20.14
C GLY B 21 11.85 13.56 -19.50
N VAL B 22 12.88 14.36 -19.17
CA VAL B 22 12.72 15.68 -18.56
C VAL B 22 12.83 16.76 -19.66
N TYR B 23 11.81 17.65 -19.74
CA TYR B 23 11.78 18.75 -20.73
C TYR B 23 11.14 19.97 -20.07
N ARG B 24 11.14 21.12 -20.75
CA ARG B 24 10.49 22.33 -20.24
C ARG B 24 8.98 22.08 -20.12
N SER B 25 8.36 22.56 -19.05
CA SER B 25 6.93 22.37 -18.84
C SER B 25 6.12 23.65 -18.82
N PRO B 26 4.92 23.67 -19.46
CA PRO B 26 4.08 24.87 -19.40
C PRO B 26 3.40 25.05 -18.04
N ILE B 27 3.40 24.01 -17.20
CA ILE B 27 2.82 24.04 -15.85
C ILE B 27 3.80 24.82 -14.96
N HIS B 28 5.10 24.40 -14.93
CA HIS B 28 6.19 25.06 -14.21
C HIS B 28 7.54 24.45 -14.55
N GLY B 29 8.54 25.32 -14.77
CA GLY B 29 9.95 24.97 -14.99
C GLY B 29 10.19 23.79 -15.89
N ARG B 30 10.74 22.70 -15.33
CA ARG B 30 10.94 21.45 -16.07
C ARG B 30 9.92 20.44 -15.54
N GLY B 31 9.47 19.55 -16.42
CA GLY B 31 8.52 18.50 -16.04
C GLY B 31 8.99 17.16 -16.56
N LEU B 32 8.29 16.07 -16.13
CA LEU B 32 8.53 14.70 -16.58
C LEU B 32 7.49 14.37 -17.66
N PHE B 33 7.93 13.85 -18.82
CA PHE B 33 7.06 13.58 -19.96
C PHE B 33 7.23 12.16 -20.48
N CYS B 34 6.20 11.55 -21.07
CA CYS B 34 6.48 10.19 -21.53
C CYS B 34 6.90 10.15 -22.99
N LYS B 35 7.87 9.27 -23.25
CA LYS B 35 8.53 9.05 -24.55
C LYS B 35 7.83 7.96 -25.36
N ARG B 36 7.03 7.13 -24.68
CA ARG B 36 6.25 6.05 -25.28
C ARG B 36 5.01 5.85 -24.43
N ASN B 37 3.95 5.28 -25.01
CA ASN B 37 2.69 5.01 -24.31
C ASN B 37 2.91 4.15 -23.08
N ILE B 38 2.23 4.53 -21.97
CA ILE B 38 2.31 3.87 -20.67
C ILE B 38 0.92 3.34 -20.32
N ASP B 39 0.80 2.04 -20.08
CA ASP B 39 -0.47 1.40 -19.74
C ASP B 39 -1.00 1.85 -18.38
N ALA B 40 -2.32 1.80 -18.19
CA ALA B 40 -2.93 2.12 -16.90
C ALA B 40 -2.46 1.06 -15.89
N GLY B 41 -2.14 1.51 -14.69
CA GLY B 41 -1.66 0.65 -13.62
C GLY B 41 -0.16 0.38 -13.63
N GLU B 42 0.53 0.74 -14.73
CA GLU B 42 1.96 0.50 -14.92
C GLU B 42 2.80 1.30 -13.91
N MET B 43 3.88 0.68 -13.41
CA MET B 43 4.86 1.27 -12.48
C MET B 43 5.78 2.04 -13.37
N VAL B 44 5.80 3.37 -13.20
CA VAL B 44 6.54 4.24 -14.10
C VAL B 44 7.99 4.45 -13.68
N ILE B 45 8.18 4.91 -12.45
CA ILE B 45 9.49 5.34 -11.95
C ILE B 45 9.44 5.49 -10.45
N GLU B 46 10.61 5.28 -9.82
CA GLU B 46 10.71 5.48 -8.40
C GLU B 46 11.06 6.94 -8.19
N TYR B 47 10.50 7.56 -7.13
CA TYR B 47 10.89 8.90 -6.75
C TYR B 47 12.16 8.63 -5.91
N ALA B 48 13.32 8.57 -6.56
CA ALA B 48 14.57 8.18 -5.87
C ALA B 48 15.09 9.25 -4.93
N GLY B 49 15.77 8.81 -3.86
CA GLY B 49 16.37 9.71 -2.88
C GLY B 49 16.60 9.07 -1.53
N ILE B 50 16.93 9.88 -0.51
CA ILE B 50 17.23 9.38 0.82
C ILE B 50 16.07 9.65 1.76
N VAL B 51 15.62 8.61 2.47
CA VAL B 51 14.56 8.72 3.48
C VAL B 51 15.25 9.34 4.70
N ILE B 52 14.83 10.55 5.09
CA ILE B 52 15.39 11.31 6.21
C ILE B 52 14.32 11.68 7.21
N ARG B 53 14.72 12.14 8.40
CA ARG B 53 13.76 12.55 9.44
C ARG B 53 13.10 13.87 9.05
N SER B 54 11.77 13.97 9.25
CA SER B 54 10.96 15.15 8.92
C SER B 54 11.44 16.42 9.61
N ILE B 55 11.88 16.31 10.88
CA ILE B 55 12.41 17.41 11.68
C ILE B 55 13.70 17.99 11.10
N LEU B 56 14.42 17.19 10.29
CA LEU B 56 15.67 17.58 9.65
C LEU B 56 15.47 18.35 8.33
N THR B 57 14.24 18.35 7.74
CA THR B 57 13.99 18.98 6.44
C THR B 57 14.22 20.48 6.44
N ASP B 58 13.67 21.20 7.44
CA ASP B 58 13.81 22.66 7.58
C ASP B 58 15.28 23.09 7.43
N LYS B 59 16.19 22.45 8.20
CA LYS B 59 17.63 22.71 8.17
C LYS B 59 18.31 22.31 6.88
N ARG B 60 17.91 21.17 6.28
CA ARG B 60 18.47 20.70 5.00
C ARG B 60 18.08 21.67 3.88
N GLU B 61 16.79 22.07 3.79
CA GLU B 61 16.28 23.03 2.79
C GLU B 61 17.01 24.35 2.92
N LYS B 62 17.24 24.78 4.18
CA LYS B 62 17.94 26.01 4.52
C LYS B 62 19.40 25.91 4.03
N TYR B 63 20.02 24.73 4.21
CA TYR B 63 21.39 24.52 3.76
C TYR B 63 21.46 24.65 2.23
N TYR B 64 20.61 23.88 1.51
CA TYR B 64 20.52 23.88 0.05
C TYR B 64 20.26 25.27 -0.51
N ASP B 65 19.24 25.99 0.06
CA ASP B 65 18.90 27.37 -0.36
C ASP B 65 20.06 28.33 -0.23
N SER B 66 20.90 28.15 0.83
CA SER B 66 22.06 29.03 1.07
C SER B 66 23.23 28.73 0.09
N LYS B 67 23.17 27.56 -0.60
CA LYS B 67 24.18 27.13 -1.58
C LYS B 67 23.74 27.28 -3.05
N GLY B 68 22.50 27.76 -3.26
CA GLY B 68 21.92 27.94 -4.59
C GLY B 68 21.63 26.64 -5.32
N ILE B 69 21.43 25.54 -4.53
CA ILE B 69 21.10 24.19 -4.99
C ILE B 69 19.58 24.05 -4.79
N GLY B 70 18.85 23.74 -5.87
CA GLY B 70 17.41 23.50 -5.81
C GLY B 70 17.14 22.31 -4.91
N CYS B 71 16.22 22.48 -3.97
CA CYS B 71 15.85 21.48 -2.95
C CYS B 71 14.68 20.67 -3.48
N TYR B 72 14.82 19.33 -3.57
CA TYR B 72 13.80 18.40 -4.10
C TYR B 72 13.46 17.41 -3.03
N MET B 73 12.28 17.54 -2.44
CA MET B 73 11.86 16.65 -1.38
C MET B 73 10.45 16.18 -1.60
N PHE B 74 10.15 14.95 -1.17
CA PHE B 74 8.82 14.35 -1.25
C PHE B 74 8.48 13.84 0.13
N ARG B 75 7.41 14.39 0.73
CA ARG B 75 6.99 14.03 2.08
C ARG B 75 6.28 12.67 2.08
N ILE B 76 6.85 11.68 2.80
CA ILE B 76 6.31 10.32 3.01
C ILE B 76 5.15 10.47 4.01
N ASP B 77 5.45 10.96 5.24
CA ASP B 77 4.49 11.20 6.33
C ASP B 77 4.98 12.38 7.22
N ASP B 78 4.45 12.52 8.45
CA ASP B 78 4.87 13.61 9.36
C ASP B 78 6.25 13.36 9.95
N SER B 79 6.73 12.10 9.90
CA SER B 79 8.01 11.72 10.50
C SER B 79 9.18 11.53 9.52
N GLU B 80 8.89 11.21 8.25
CA GLU B 80 9.90 10.98 7.20
C GLU B 80 9.63 11.71 5.88
N VAL B 81 10.72 12.02 5.18
CA VAL B 81 10.70 12.71 3.89
C VAL B 81 11.80 12.10 3.01
N VAL B 82 11.56 12.03 1.69
CA VAL B 82 12.55 11.57 0.72
C VAL B 82 13.25 12.79 0.17
N ASP B 83 14.55 12.90 0.42
CA ASP B 83 15.37 13.98 -0.10
C ASP B 83 16.00 13.50 -1.42
N ALA B 84 15.53 14.06 -2.55
CA ALA B 84 15.98 13.74 -3.91
C ALA B 84 16.99 14.76 -4.45
N THR B 85 17.43 15.69 -3.60
CA THR B 85 18.31 16.79 -4.02
C THR B 85 19.64 16.28 -4.60
N MET B 86 20.30 15.37 -3.86
CA MET B 86 21.62 14.89 -4.25
C MET B 86 21.61 13.49 -4.83
N HIS B 87 20.71 12.62 -4.38
CA HIS B 87 20.68 11.24 -4.87
C HIS B 87 19.34 10.93 -5.57
N GLY B 88 18.85 11.90 -6.32
CA GLY B 88 17.56 11.79 -7.00
C GLY B 88 17.65 11.30 -8.43
N ASN B 89 16.50 11.28 -9.11
CA ASN B 89 16.44 10.84 -10.50
C ASN B 89 15.46 11.76 -11.21
N ALA B 90 14.99 11.39 -12.42
CA ALA B 90 14.05 12.24 -13.20
C ALA B 90 12.70 12.49 -12.54
N ALA B 91 12.25 11.58 -11.65
CA ALA B 91 10.94 11.70 -10.96
C ALA B 91 10.84 12.96 -10.09
N ARG B 92 11.99 13.54 -9.70
CA ARG B 92 11.96 14.76 -8.89
C ARG B 92 11.37 15.99 -9.64
N PHE B 93 11.24 15.90 -10.98
CA PHE B 93 10.68 16.99 -11.81
C PHE B 93 9.16 16.85 -12.05
N ILE B 94 8.49 15.79 -11.51
CA ILE B 94 7.02 15.61 -11.69
C ILE B 94 6.25 16.77 -11.04
N ASN B 95 5.49 17.52 -11.85
CA ASN B 95 4.66 18.63 -11.41
C ASN B 95 3.31 18.17 -10.90
N HIS B 96 2.59 19.06 -10.22
CA HIS B 96 1.24 18.78 -9.70
C HIS B 96 0.16 19.00 -10.77
N SER B 97 -0.94 18.25 -10.68
CA SER B 97 -2.15 18.47 -11.50
C SER B 97 -3.38 18.08 -10.74
N CYS B 98 -4.49 18.81 -10.96
CA CYS B 98 -5.79 18.55 -10.32
C CYS B 98 -6.58 17.49 -11.08
N GLU B 99 -6.15 17.19 -12.31
CA GLU B 99 -6.66 16.12 -13.16
C GLU B 99 -5.39 15.26 -13.44
N PRO B 100 -4.79 14.61 -12.40
CA PRO B 100 -3.52 13.89 -12.62
C PRO B 100 -3.62 12.61 -13.43
N ASN B 101 -2.50 12.15 -13.97
CA ASN B 101 -2.53 10.90 -14.72
C ASN B 101 -1.72 9.87 -14.01
N CYS B 102 -1.12 10.27 -12.88
CA CYS B 102 -0.30 9.42 -12.03
C CYS B 102 -0.71 9.63 -10.58
N TYR B 103 -0.26 8.75 -9.72
CA TYR B 103 -0.41 8.87 -8.27
C TYR B 103 0.82 8.30 -7.58
N SER B 104 1.10 8.80 -6.37
CA SER B 104 2.25 8.38 -5.59
C SER B 104 1.84 7.37 -4.54
N ARG B 105 2.71 6.39 -4.29
CA ARG B 105 2.47 5.37 -3.27
C ARG B 105 3.78 5.01 -2.55
N VAL B 106 3.70 4.85 -1.23
CA VAL B 106 4.86 4.42 -0.45
C VAL B 106 4.77 2.88 -0.38
N ILE B 107 5.69 2.18 -1.03
CA ILE B 107 5.76 0.71 -0.95
C ILE B 107 6.97 0.31 -0.10
N ASN B 108 6.99 -0.94 0.33
CA ASN B 108 8.05 -1.53 1.15
C ASN B 108 8.50 -2.83 0.49
N ILE B 109 9.68 -2.82 -0.14
CA ILE B 109 10.25 -3.97 -0.83
C ILE B 109 11.47 -4.47 -0.08
N ASP B 110 11.43 -5.75 0.33
CA ASP B 110 12.47 -6.45 1.08
C ASP B 110 13.01 -5.62 2.27
N GLY B 111 12.08 -5.04 3.02
CA GLY B 111 12.34 -4.22 4.21
C GLY B 111 12.61 -2.75 3.98
N GLN B 112 12.80 -2.34 2.72
CA GLN B 112 13.10 -0.95 2.41
C GLN B 112 11.93 -0.22 1.77
N LYS B 113 11.69 1.03 2.21
CA LYS B 113 10.64 1.93 1.73
C LYS B 113 11.04 2.61 0.43
N HIS B 114 10.11 2.66 -0.55
CA HIS B 114 10.29 3.35 -1.84
C HIS B 114 9.01 4.07 -2.22
N ILE B 115 9.13 5.32 -2.70
CA ILE B 115 8.03 6.10 -3.25
C ILE B 115 8.06 5.76 -4.72
N VAL B 116 6.96 5.21 -5.22
CA VAL B 116 6.84 4.78 -6.62
C VAL B 116 5.64 5.47 -7.25
N ILE B 117 5.78 5.81 -8.54
CA ILE B 117 4.78 6.53 -9.32
C ILE B 117 4.06 5.54 -10.24
N PHE B 118 2.75 5.52 -10.16
CA PHE B 118 1.94 4.64 -11.00
C PHE B 118 1.11 5.45 -11.99
N ALA B 119 0.80 4.85 -13.13
CA ALA B 119 -0.08 5.47 -14.11
C ALA B 119 -1.53 5.13 -13.68
N MET B 120 -2.38 6.16 -13.57
CA MET B 120 -3.77 6.05 -13.17
C MET B 120 -4.72 5.71 -14.37
N ARG B 121 -4.31 6.09 -15.59
CA ARG B 121 -5.02 5.84 -16.86
C ARG B 121 -3.91 5.56 -17.89
N LYS B 122 -4.27 5.20 -19.15
CA LYS B 122 -3.23 5.03 -20.16
C LYS B 122 -2.65 6.47 -20.43
N ILE B 123 -1.33 6.61 -20.49
CA ILE B 123 -0.69 7.90 -20.76
C ILE B 123 -0.07 7.76 -22.11
N TYR B 124 -0.30 8.76 -22.98
CA TYR B 124 0.17 8.71 -24.36
C TYR B 124 1.40 9.51 -24.61
N ARG B 125 2.16 9.09 -25.63
CA ARG B 125 3.41 9.71 -26.04
C ARG B 125 3.31 11.23 -26.13
N GLY B 126 4.19 11.91 -25.38
CA GLY B 126 4.30 13.37 -25.36
C GLY B 126 3.63 14.06 -24.19
N GLU B 127 2.79 13.32 -23.48
CA GLU B 127 2.04 13.85 -22.34
C GLU B 127 2.95 14.07 -21.15
N GLU B 128 2.69 15.15 -20.40
CA GLU B 128 3.42 15.38 -19.15
C GLU B 128 2.82 14.49 -18.06
N LEU B 129 3.69 13.83 -17.27
CA LEU B 129 3.29 12.99 -16.13
C LEU B 129 3.09 13.90 -14.93
N THR B 130 1.95 13.74 -14.24
CA THR B 130 1.58 14.58 -13.09
C THR B 130 0.90 13.79 -11.96
N TYR B 131 1.02 14.28 -10.73
CA TYR B 131 0.26 13.66 -9.62
C TYR B 131 -0.27 14.72 -8.71
N ASP B 132 -1.25 14.35 -7.88
CA ASP B 132 -1.83 15.26 -6.91
C ASP B 132 -0.86 15.39 -5.75
N TYR B 133 -0.37 16.62 -5.51
CA TYR B 133 0.52 16.91 -4.38
C TYR B 133 -0.40 16.97 -3.16
N LYS B 134 -0.12 16.19 -2.12
CA LYS B 134 -0.98 16.24 -0.93
C LYS B 134 -0.38 17.29 0.01
N PHE B 135 -0.95 18.51 -0.06
CA PHE B 135 -0.50 19.67 0.73
C PHE B 135 -1.55 20.06 1.78
N LYS B 143 -1.78 28.49 -0.75
CA LYS B 143 -0.58 29.31 -0.66
C LYS B 143 0.09 29.52 -2.02
N LEU B 144 0.22 28.42 -2.80
CA LEU B 144 0.84 28.45 -4.13
C LEU B 144 -0.22 28.24 -5.20
N PRO B 145 -0.39 29.18 -6.17
CA PRO B 145 -1.44 29.02 -7.19
C PRO B 145 -1.16 27.87 -8.17
N CYS B 146 -2.18 27.04 -8.45
CA CYS B 146 -1.99 25.93 -9.37
C CYS B 146 -2.13 26.33 -10.82
N ASN B 147 -1.22 25.81 -11.66
CA ASN B 147 -1.16 26.07 -13.09
C ASN B 147 -1.38 24.80 -13.94
N CYS B 148 -2.04 23.76 -13.37
CA CYS B 148 -2.28 22.54 -14.15
C CYS B 148 -3.13 22.81 -15.39
N GLY B 149 -4.04 23.80 -15.28
CA GLY B 149 -4.92 24.26 -16.34
C GLY B 149 -6.15 23.42 -16.59
N ALA B 150 -6.42 22.43 -15.72
CA ALA B 150 -7.56 21.52 -15.86
C ALA B 150 -8.91 22.23 -15.62
N LYS B 151 -9.99 21.68 -16.20
CA LYS B 151 -11.33 22.24 -16.02
C LYS B 151 -11.72 22.26 -14.51
N LYS B 152 -11.45 21.14 -13.82
CA LYS B 152 -11.75 20.92 -12.40
C LYS B 152 -10.56 21.28 -11.49
N CYS B 153 -9.81 22.34 -11.86
CA CYS B 153 -8.66 22.82 -11.11
C CYS B 153 -9.06 23.32 -9.72
N ARG B 154 -8.29 22.95 -8.68
CA ARG B 154 -8.53 23.41 -7.30
C ARG B 154 -7.93 24.83 -7.10
N LYS B 155 -7.18 25.31 -8.11
CA LYS B 155 -6.53 26.62 -8.27
C LYS B 155 -5.36 26.90 -7.29
N PHE B 156 -5.15 26.01 -6.28
CA PHE B 156 -4.04 26.09 -5.32
C PHE B 156 -3.52 24.68 -5.00
N LEU B 157 -2.21 24.56 -4.74
CA LEU B 157 -1.59 23.27 -4.42
C LEU B 157 -1.90 22.86 -2.98
ZN ZN C . 5.50 -16.13 -0.35
C1 Q2M D . -1.35 -18.02 -3.44
C2 Q2M D . -3.02 -17.50 -1.97
C3 Q2M D . -2.13 -16.67 -1.23
C4 Q2M D . -4.05 -16.50 -0.23
C5 Q2M D . -5.44 -18.20 -1.59
C6 Q2M D . -5.26 -19.67 -1.09
C7 Q2M D . -5.83 -19.55 0.33
C8 Q2M D . -7.01 -18.61 0.04
O1 Q2M D . -6.23 -20.76 0.87
N1 Q2M D . -0.38 -17.27 -2.81
N2 Q2M D . -2.66 -18.21 -3.10
N Q2M D . 0.15 -15.86 -1.01
C Q2M D . -0.77 -16.58 -1.68
O Q2M D . -6.04 -20.44 -1.94
O3 Q2M D . -11.49 -14.97 -1.22
C22 Q2M D . -10.43 -14.58 -1.71
O2 Q2M D . -10.46 -13.88 -2.86
C21 Q2M D . -9.00 -14.84 -1.15
N7 Q2M D . -7.97 -14.04 -1.81
C20 Q2M D . -9.04 -14.48 0.39
C19 Q2M D . -8.19 -15.46 1.24
N5 Q2M D . -8.58 -16.92 0.98
C10 Q2M D . -9.95 -17.34 1.48
C11 Q2M D . -10.44 -18.58 0.67
C18 Q2M D . -11.96 -18.90 0.58
N6 Q2M D . -11.82 -19.07 -0.93
C13 Q2M D . -12.88 -18.45 -1.78
C13 Q2M D . -12.85 -18.45 -1.82
C14 Q2M D . -12.47 -18.50 -3.21
C14 Q2M D . -12.29 -18.41 -3.21
S Q2M D . -11.67 -19.88 -3.88
S Q2M D . -11.86 -16.91 -3.94
C17 Q2M D . -11.53 -19.14 -5.41
C17 Q2M D . -11.27 -17.68 -5.35
C16 Q2M D . -12.06 -17.90 -5.43
C16 Q2M D . -11.40 -19.03 -5.27
C15 Q2M D . -12.62 -17.52 -4.16
C15 Q2M D . -12.01 -19.46 -4.03
C12 Q2M D . -10.50 -18.35 -0.89
C9 Q2M D . -7.47 -17.89 1.34
O4 Q2M D . -6.56 -17.67 -0.94
N4 Q2M D . -4.24 -17.41 -1.32
N3 Q2M D . -2.81 -16.04 -0.15
H7 Q2M D . -1.02 -18.54 -4.34
H8 Q2M D . -4.86 -16.24 0.45
H Q2M D . -5.63 -18.16 -2.66
H1 Q2M D . -4.21 -19.99 -1.09
H2 Q2M D . -5.13 -19.16 1.06
H3 Q2M D . -7.83 -19.15 -0.46
H10 Q2M D . -6.38 -20.65 1.85
H5 Q2M D . 1.11 -15.80 -1.33
H6 Q2M D . -0.13 -15.33 -0.19
H9 Q2M D . -6.05 -21.37 -1.59
H29 Q2M D . -11.38 -13.74 -3.19
H4 Q2M D . -8.75 -15.88 -1.30
H31 Q2M D . -8.15 -13.86 -2.80
H27 Q2M D . -8.62 -13.48 0.48
H28 Q2M D . -10.05 -14.39 0.77
H26 Q2M D . -8.35 -15.22 2.30
H25 Q2M D . -7.13 -15.27 1.08
H13 Q2M D . -10.66 -16.52 1.38
H14 Q2M D . -9.98 -17.56 2.55
H24 Q2M D . -12.66 -18.16 0.96
H23 Q2M D . -12.24 -19.86 1.00
H18 Q2M D . -13.13 -17.43 -1.51
H18 Q2M D . -13.18 -17.46 -1.52
H19 Q2M D . -13.79 -19.02 -1.63
H19 Q2M D . -13.73 -19.09 -1.79
H22 Q2M D . -11.05 -19.67 -6.24
H22 Q2M D . -10.85 -17.11 -6.17
H21 Q2M D . -12.08 -17.23 -6.30
H21 Q2M D . -11.10 -19.73 -6.05
H20 Q2M D . -13.08 -16.55 -3.97
H20 Q2M D . -12.19 -20.50 -3.79
H16 Q2M D . -9.69 -18.78 -1.49
H17 Q2M D . -10.60 -17.31 -1.21
H11 Q2M D . -6.61 -17.37 1.76
H12 Q2M D . -7.73 -18.63 2.10
H30 Q2M D . -7.02 -14.38 -1.68
ZN ZN E . -4.76 22.51 -10.81
C1 GOL F . -1.91 -0.04 -6.26
O1 GOL F . -1.16 -0.64 -7.30
C2 GOL F . -1.09 0.95 -5.46
O2 GOL F . -1.97 1.73 -4.65
C3 GOL F . -0.10 0.22 -4.57
O3 GOL F . 0.40 1.04 -3.51
C1 Q2M G . 2.25 25.77 -10.18
C2 Q2M G . 3.74 24.12 -9.71
C3 Q2M G . 2.81 23.11 -10.13
C4 Q2M G . 4.60 22.04 -9.56
C5 Q2M G . 6.08 24.00 -8.74
C6 Q2M G . 5.81 24.43 -7.25
C7 Q2M G . 6.33 23.19 -6.49
C8 Q2M G . 7.51 22.79 -7.40
O1 Q2M G . 6.73 23.49 -5.20
N1 Q2M G . 1.25 24.90 -10.58
N2 Q2M G . 3.48 25.49 -9.73
N Q2M G . 0.56 22.70 -10.89
C Q2M G . 1.54 23.57 -10.56
O Q2M G . 6.55 25.59 -7.03
O3 Q2M G . 12.25 21.81 -10.69
C22 Q2M G . 11.26 22.04 -11.35
O2 Q2M G . 11.42 22.64 -12.53
C21 Q2M G . 9.80 21.76 -10.98
N7 Q2M G . 8.89 21.94 -12.13
C20 Q2M G . 9.72 20.27 -10.50
C19 Q2M G . 8.70 20.08 -9.33
N5 Q2M G . 9.02 21.00 -8.17
C10 Q2M G . 10.26 20.71 -7.39
C11 Q2M G . 10.70 22.03 -6.71
C18 Q2M G . 11.06 23.20 -7.68
N6 Q2M G . 12.31 23.48 -6.91
C13 Q2M G . 13.57 23.58 -7.71
C13 Q2M G . 13.51 23.82 -7.71
C14 Q2M G . 14.00 24.98 -7.89
C14 Q2M G . 13.17 25.04 -8.49
S Q2M G . 14.15 26.08 -6.56
S Q2M G . 13.07 24.98 -10.21
C17 Q2M G . 14.74 27.32 -7.58
C17 Q2M G . 12.57 26.63 -10.28
C16 Q2M G . 14.82 26.94 -8.88
C16 Q2M G . 12.48 27.20 -9.05
C15 Q2M G . 14.38 25.58 -9.06
C15 Q2M G . 12.83 26.28 -8.00
C12 Q2M G . 12.16 22.13 -6.21
C9 Q2M G . 7.84 21.29 -7.26
O4 Q2M G . 7.11 23.08 -8.73
N4 Q2M G . 4.87 23.42 -9.34
N3 Q2M G . 3.38 21.83 -10.03
H7 Q2M G . 1.98 26.82 -10.21
H8 Q2M G . 5.33 21.26 -9.35
H Q2M G . 6.38 24.84 -9.36
H1 Q2M G . 4.75 24.58 -7.05
H2 Q2M G . 5.60 22.41 -6.35
H3 Q2M G . 8.37 23.42 -7.23
H10 Q2M G . 7.39 24.24 -5.23
H5 Q2M G . -0.36 23.02 -11.19
H6 Q2M G . 0.73 21.70 -10.86
H9 Q2M G . 7.46 25.52 -7.43
H29 Q2M G . 12.37 22.81 -12.76
H4 Q2M G . 9.49 22.45 -10.20
H15 Q2M G . 7.91 21.97 -11.87
H31 Q2M G . 9.12 22.74 -12.71
H27 Q2M G . 9.39 19.69 -11.35
H28 Q2M G . 10.69 19.86 -10.24
H26 Q2M G . 8.75 19.04 -8.99
H25 Q2M G . 7.68 20.18 -9.69
H13 Q2M G . 11.05 20.35 -8.05
H14 Q2M G . 10.15 19.92 -6.66
H33 Q2M G . 10.00 22.32 -5.93
H24 Q2M G . 10.35 24.01 -7.78
H23 Q2M G . 11.28 22.89 -8.70
H18 Q2M G . 13.53 23.10 -8.69
H18 Q2M G . 13.85 23.03 -8.39
H19 Q2M G . 14.34 23.03 -7.17
H19 Q2M G . 14.34 24.00 -7.03
H22 Q2M G . 15.00 28.29 -7.17
H22 Q2M G . 12.36 27.11 -11.23
H21 Q2M G . 15.16 27.56 -9.70
H21 Q2M G . 12.19 28.23 -8.85
H20 Q2M G . 14.37 25.08 -10.04
H20 Q2M G . 12.82 26.55 -6.95
H16 Q2M G . 12.84 21.33 -6.46
H17 Q2M G . 12.23 22.28 -5.13
H11 Q2M G . 6.96 20.72 -7.56
H12 Q2M G . 7.99 21.03 -6.22
#